data_3DIW
#
_entry.id   3DIW
#
_cell.length_a   27.098
_cell.length_b   93.571
_cell.length_c   107.724
_cell.angle_alpha   90.00
_cell.angle_beta   90.00
_cell.angle_gamma   90.00
#
_symmetry.space_group_name_H-M   'P 21 21 21'
#
loop_
_entity.id
_entity.type
_entity.pdbx_description
1 polymer 'Tax1-binding protein 3'
2 polymer 'decameric peptide form Catenin beta-1'
3 water water
#
loop_
_entity_poly.entity_id
_entity_poly.type
_entity_poly.pdbx_seq_one_letter_code
_entity_poly.pdbx_strand_id
1 'polypeptide(L)'
;MSYTPGQPVTAVVQRVEIHKLRQGENLILGFSIGGGIDQDPSQNPFSEDKTDKGIYVTRVSEGGPAEIAGLQIGDKIMQV
NGWDMTMVTHDQARKRLTKRSEEVVRLLVTRQSLQKAVQQSMLS
;
A,B
2 'polypeptide(L)' NQLAWFDTDL C,D
#
# COMPACT_ATOMS: atom_id res chain seq x y z
N PRO A 8 18.96 0.91 -4.14
CA PRO A 8 17.68 1.46 -4.68
C PRO A 8 16.55 1.24 -3.69
N VAL A 9 15.70 2.25 -3.52
CA VAL A 9 14.61 2.17 -2.56
C VAL A 9 13.19 2.02 -3.11
N THR A 10 12.53 0.94 -2.73
CA THR A 10 11.15 0.68 -3.13
C THR A 10 10.32 0.60 -1.85
N ALA A 11 9.47 1.60 -1.66
CA ALA A 11 8.63 1.65 -0.46
C ALA A 11 7.32 0.89 -0.59
N VAL A 12 6.97 0.15 0.45
CA VAL A 12 5.71 -0.60 0.46
C VAL A 12 4.70 0.34 1.10
N VAL A 13 3.67 0.70 0.36
CA VAL A 13 2.64 1.59 0.88
C VAL A 13 1.33 0.87 1.15
N GLN A 14 0.64 1.33 2.18
CA GLN A 14 -0.65 0.77 2.54
C GLN A 14 -1.53 1.89 3.03
N ARG A 15 -2.83 1.63 3.06
CA ARG A 15 -3.76 2.66 3.45
C ARG A 15 -4.27 2.56 4.88
N VAL A 16 -4.59 3.72 5.43
CA VAL A 16 -5.10 3.83 6.79
C VAL A 16 -6.14 4.93 6.74
N GLU A 17 -7.39 4.59 7.05
CA GLU A 17 -8.46 5.58 7.04
C GLU A 17 -8.79 5.92 8.47
N ILE A 18 -8.67 7.20 8.80
CA ILE A 18 -8.95 7.65 10.15
C ILE A 18 -10.24 8.46 10.19
N HIS A 19 -11.08 8.18 11.18
CA HIS A 19 -12.33 8.90 11.35
C HIS A 19 -12.13 9.86 12.52
N LYS A 20 -12.03 11.14 12.20
CA LYS A 20 -11.80 12.14 13.23
C LYS A 20 -12.84 12.10 14.34
N LEU A 21 -12.44 12.55 15.51
CA LEU A 21 -13.30 12.60 16.67
C LEU A 21 -13.71 14.07 16.82
N ARG A 22 -15.00 14.35 16.82
CA ARG A 22 -15.46 15.72 16.97
C ARG A 22 -16.00 15.96 18.38
N GLN A 23 -15.19 16.58 19.22
CA GLN A 23 -15.59 16.91 20.57
C GLN A 23 -15.93 18.39 20.54
N GLY A 24 -17.15 18.70 20.15
CA GLY A 24 -17.57 20.08 20.06
C GLY A 24 -16.88 20.76 18.89
N GLU A 25 -16.04 21.73 19.19
CA GLU A 25 -15.30 22.47 18.18
C GLU A 25 -13.87 21.95 18.21
N ASN A 26 -13.70 20.75 18.75
CA ASN A 26 -12.38 20.15 18.87
C ASN A 26 -12.27 18.87 18.03
N LEU A 27 -11.66 18.98 16.85
CA LEU A 27 -11.46 17.82 15.97
C LEU A 27 -10.14 17.15 16.32
N ILE A 28 -10.18 15.83 16.52
CA ILE A 28 -8.99 15.09 16.92
C ILE A 28 -8.69 13.86 16.05
N LEU A 29 -7.41 13.66 15.75
CA LEU A 29 -6.96 12.53 14.94
C LEU A 29 -6.29 11.50 15.84
N GLY A 30 -5.68 11.97 16.93
CA GLY A 30 -5.04 11.09 17.87
C GLY A 30 -3.66 10.58 17.46
N PHE A 31 -2.83 11.45 16.91
CA PHE A 31 -1.48 11.05 16.55
C PHE A 31 -0.62 12.28 16.33
N SER A 32 0.69 12.11 16.48
CA SER A 32 1.65 13.20 16.34
C SER A 32 2.54 13.01 15.11
N ILE A 33 2.90 14.14 14.48
CA ILE A 33 3.75 14.11 13.29
C ILE A 33 5.03 14.92 13.47
N GLY A 34 6.11 14.42 12.88
CA GLY A 34 7.39 15.11 12.95
C GLY A 34 7.95 15.19 11.54
N GLY A 35 8.90 16.09 11.33
CA GLY A 35 9.50 16.20 10.01
C GLY A 35 8.97 17.33 9.15
N GLY A 36 9.34 17.30 7.88
CA GLY A 36 8.94 18.35 6.96
C GLY A 36 10.23 18.87 6.33
N ILE A 37 10.14 19.37 5.11
CA ILE A 37 11.32 19.85 4.41
C ILE A 37 12.06 20.98 5.14
N ASP A 38 11.35 21.71 5.99
CA ASP A 38 11.98 22.82 6.70
C ASP A 38 12.69 22.41 7.99
N GLN A 39 12.66 21.13 8.33
CA GLN A 39 13.30 20.63 9.52
C GLN A 39 14.54 19.80 9.19
N ASP A 40 15.51 19.81 10.11
CA ASP A 40 16.75 19.06 9.94
C ASP A 40 16.42 17.57 10.08
N PRO A 41 16.70 16.78 9.01
CA PRO A 41 16.43 15.35 9.02
C PRO A 41 17.38 14.46 9.83
N SER A 42 18.57 14.97 10.11
CA SER A 42 19.56 14.19 10.87
C SER A 42 19.01 13.78 12.23
N GLN A 43 18.01 14.53 12.69
CA GLN A 43 17.40 14.31 14.00
C GLN A 43 16.22 13.33 14.05
N ASN A 44 15.83 12.81 12.89
CA ASN A 44 14.71 11.86 12.83
C ASN A 44 15.09 10.57 13.57
N PRO A 45 14.31 10.19 14.60
CA PRO A 45 14.50 8.98 15.43
C PRO A 45 13.95 7.68 14.88
N PHE A 46 13.51 7.70 13.62
CA PHE A 46 12.94 6.51 13.00
C PHE A 46 13.57 6.22 11.66
N SER A 47 13.74 7.28 10.88
CA SER A 47 14.28 7.20 9.52
C SER A 47 15.44 6.26 9.21
N GLU A 48 15.31 5.69 8.01
CA GLU A 48 16.26 4.76 7.43
C GLU A 48 17.45 5.59 6.96
N ASP A 49 17.14 6.53 6.07
CA ASP A 49 18.10 7.45 5.50
C ASP A 49 17.97 8.74 6.32
N LYS A 50 19.04 9.13 7.00
CA LYS A 50 18.99 10.34 7.83
C LYS A 50 18.92 11.66 7.05
N THR A 51 18.61 11.57 5.76
CA THR A 51 18.47 12.77 4.94
C THR A 51 17.00 12.89 4.54
N ASP A 52 16.20 11.94 5.02
CA ASP A 52 14.77 11.88 4.75
C ASP A 52 14.05 13.01 5.47
N LYS A 53 13.40 13.89 4.72
CA LYS A 53 12.68 15.02 5.32
C LYS A 53 11.18 14.76 5.33
N GLY A 54 10.80 13.51 5.17
CA GLY A 54 9.39 13.16 5.15
C GLY A 54 8.68 13.34 6.48
N ILE A 55 7.36 13.16 6.43
CA ILE A 55 6.51 13.28 7.61
C ILE A 55 6.36 11.92 8.26
N TYR A 56 6.77 11.82 9.52
CA TYR A 56 6.72 10.57 10.26
C TYR A 56 5.77 10.65 11.47
N VAL A 57 5.09 9.54 11.75
CA VAL A 57 4.18 9.46 12.89
C VAL A 57 5.04 9.17 14.11
N THR A 58 5.01 10.07 15.09
CA THR A 58 5.83 9.91 16.29
C THR A 58 5.07 9.35 17.49
N ARG A 59 3.75 9.52 17.49
CA ARG A 59 2.93 9.03 18.60
C ARG A 59 1.51 8.70 18.16
N VAL A 60 0.93 7.69 18.80
CA VAL A 60 -0.43 7.28 18.51
C VAL A 60 -1.15 7.21 19.86
N SER A 61 -2.20 8.01 20.00
CA SER A 61 -2.96 8.08 21.24
C SER A 61 -3.82 6.86 21.53
N GLU A 62 -3.67 6.32 22.74
CA GLU A 62 -4.44 5.16 23.16
C GLU A 62 -5.92 5.54 23.14
N GLY A 63 -6.75 4.68 22.56
CA GLY A 63 -8.17 4.95 22.49
C GLY A 63 -8.57 6.01 21.47
N GLY A 64 -7.59 6.50 20.71
CA GLY A 64 -7.90 7.52 19.71
C GLY A 64 -8.24 6.97 18.32
N PRO A 65 -8.74 7.82 17.41
CA PRO A 65 -9.09 7.36 16.07
C PRO A 65 -7.94 6.75 15.26
N ALA A 66 -6.75 7.32 15.35
CA ALA A 66 -5.59 6.81 14.62
C ALA A 66 -5.21 5.39 15.07
N GLU A 67 -5.32 5.13 16.37
CA GLU A 67 -4.97 3.82 16.89
C GLU A 67 -5.89 2.75 16.31
N ILE A 68 -7.18 2.97 16.41
CA ILE A 68 -8.16 2.01 15.92
C ILE A 68 -8.08 1.87 14.40
N ALA A 69 -7.58 2.90 13.73
CA ALA A 69 -7.46 2.86 12.27
C ALA A 69 -6.22 2.05 11.84
N GLY A 70 -5.33 1.81 12.79
CA GLY A 70 -4.14 1.03 12.48
C GLY A 70 -2.84 1.79 12.25
N LEU A 71 -2.84 3.11 12.46
CA LEU A 71 -1.62 3.89 12.28
C LEU A 71 -0.62 3.43 13.33
N GLN A 72 0.66 3.39 12.95
CA GLN A 72 1.70 2.96 13.87
C GLN A 72 2.82 3.99 14.00
N ILE A 73 3.36 4.10 15.21
CA ILE A 73 4.46 5.01 15.46
C ILE A 73 5.55 4.60 14.47
N GLY A 74 6.19 5.56 13.82
CA GLY A 74 7.23 5.22 12.86
C GLY A 74 6.78 5.20 11.41
N ASP A 75 5.47 5.20 11.18
CA ASP A 75 4.93 5.21 9.83
C ASP A 75 5.29 6.51 9.15
N LYS A 76 5.59 6.43 7.87
CA LYS A 76 5.91 7.60 7.07
C LYS A 76 4.67 7.91 6.25
N ILE A 77 4.19 9.15 6.34
CA ILE A 77 3.03 9.56 5.59
C ILE A 77 3.43 10.03 4.20
N MET A 78 2.97 9.30 3.19
CA MET A 78 3.28 9.60 1.80
C MET A 78 2.23 10.52 1.17
N GLN A 79 0.99 10.31 1.57
CA GLN A 79 -0.12 11.08 1.00
C GLN A 79 -1.30 11.16 1.96
N VAL A 80 -2.11 12.21 1.79
CA VAL A 80 -3.29 12.43 2.62
C VAL A 80 -4.41 12.93 1.72
N ASN A 81 -5.43 12.10 1.52
CA ASN A 81 -6.55 12.45 0.66
C ASN A 81 -6.10 12.95 -0.71
N GLY A 82 -5.18 12.20 -1.33
CA GLY A 82 -4.68 12.56 -2.65
C GLY A 82 -3.51 13.53 -2.68
N TRP A 83 -3.33 14.30 -1.61
CA TRP A 83 -2.24 15.29 -1.55
C TRP A 83 -0.90 14.68 -1.15
N ASP A 84 0.14 14.97 -1.92
CA ASP A 84 1.45 14.43 -1.61
C ASP A 84 1.93 15.03 -0.29
N MET A 85 2.70 14.24 0.45
CA MET A 85 3.24 14.66 1.74
C MET A 85 4.74 14.39 1.82
N THR A 86 5.32 13.96 0.70
CA THR A 86 6.75 13.64 0.65
C THR A 86 7.68 14.86 0.74
N MET A 87 7.26 15.98 0.16
CA MET A 87 8.09 17.18 0.22
C MET A 87 7.31 18.43 0.59
N VAL A 88 6.80 18.46 1.82
CA VAL A 88 6.05 19.60 2.31
C VAL A 88 6.70 20.09 3.61
N THR A 89 6.37 21.31 4.02
CA THR A 89 6.91 21.84 5.26
C THR A 89 6.10 21.22 6.40
N HIS A 90 6.59 21.37 7.62
CA HIS A 90 5.90 20.80 8.76
C HIS A 90 4.49 21.40 8.82
N ASP A 91 4.41 22.72 8.65
CA ASP A 91 3.14 23.42 8.70
C ASP A 91 2.17 22.94 7.62
N GLN A 92 2.67 22.80 6.40
CA GLN A 92 1.84 22.34 5.30
C GLN A 92 1.30 20.95 5.62
N ALA A 93 2.16 20.08 6.16
CA ALA A 93 1.77 18.73 6.52
C ALA A 93 0.60 18.82 7.49
N ARG A 94 0.76 19.65 8.52
CA ARG A 94 -0.27 19.84 9.52
C ARG A 94 -1.60 20.31 8.93
N LYS A 95 -1.53 21.34 8.09
CA LYS A 95 -2.74 21.88 7.47
C LYS A 95 -3.50 20.83 6.66
N ARG A 96 -2.77 19.97 5.95
CA ARG A 96 -3.37 18.92 5.13
C ARG A 96 -4.13 17.89 5.98
N LEU A 97 -3.68 17.70 7.20
CA LEU A 97 -4.28 16.74 8.12
C LEU A 97 -5.30 17.38 9.06
N THR A 98 -5.52 18.68 8.94
CA THR A 98 -6.46 19.38 9.80
C THR A 98 -7.54 20.17 9.08
N LYS A 99 -8.08 19.62 8.01
CA LYS A 99 -9.14 20.31 7.28
C LYS A 99 -10.41 20.03 8.06
N ARG A 100 -10.92 21.06 8.73
CA ARG A 100 -12.13 20.92 9.55
C ARG A 100 -13.31 20.34 8.79
N SER A 101 -13.39 20.61 7.49
CA SER A 101 -14.50 20.12 6.69
C SER A 101 -14.42 18.62 6.38
N GLU A 102 -13.29 18.01 6.68
CA GLU A 102 -13.12 16.60 6.41
C GLU A 102 -13.24 15.76 7.68
N GLU A 103 -14.06 14.71 7.60
CA GLU A 103 -14.30 13.82 8.73
C GLU A 103 -13.38 12.61 8.62
N VAL A 104 -13.20 12.14 7.40
CA VAL A 104 -12.37 10.97 7.15
C VAL A 104 -11.09 11.37 6.43
N VAL A 105 -9.96 11.04 7.03
CA VAL A 105 -8.68 11.36 6.43
C VAL A 105 -8.06 10.04 5.98
N ARG A 106 -7.92 9.90 4.66
CA ARG A 106 -7.34 8.70 4.07
C ARG A 106 -5.84 8.88 3.88
N LEU A 107 -5.06 7.99 4.45
CA LEU A 107 -3.60 8.08 4.34
C LEU A 107 -2.93 6.94 3.59
N LEU A 108 -1.83 7.28 2.93
CA LEU A 108 -1.01 6.28 2.27
C LEU A 108 0.25 6.39 3.09
N VAL A 109 0.62 5.31 3.76
CA VAL A 109 1.81 5.34 4.59
C VAL A 109 2.70 4.16 4.26
N THR A 110 3.93 4.24 4.74
CA THR A 110 4.88 3.16 4.55
C THR A 110 5.60 2.90 5.87
N ARG A 111 5.67 1.62 6.25
CA ARG A 111 6.34 1.21 7.46
C ARG A 111 7.24 0.05 7.09
N GLN A 112 7.49 -0.10 5.79
CA GLN A 112 8.29 -1.19 5.27
C GLN A 112 8.90 -0.88 3.91
N SER A 113 10.13 -1.33 3.67
CA SER A 113 10.82 -1.15 2.39
C SER A 113 10.83 -2.55 1.76
N LEU A 114 11.06 -2.65 0.45
CA LEU A 114 11.06 -3.94 -0.24
C LEU A 114 12.43 -4.60 -0.36
N GLN A 115 12.78 -5.57 0.51
CA GLN A 115 14.09 -6.29 0.45
C GLN A 115 15.00 -5.90 1.59
N ALA B 11 9.16 4.42 -7.36
CA ALA B 11 9.58 3.15 -6.70
C ALA B 11 8.62 2.82 -5.54
N VAL B 12 7.41 2.41 -5.89
CA VAL B 12 6.40 2.07 -4.88
C VAL B 12 5.52 0.87 -5.21
N VAL B 13 5.29 0.02 -4.21
CA VAL B 13 4.41 -1.13 -4.37
C VAL B 13 3.37 -0.99 -3.26
N GLN B 14 2.13 -1.36 -3.57
CA GLN B 14 1.06 -1.26 -2.60
C GLN B 14 0.58 -2.61 -2.09
N ARG B 15 0.21 -2.63 -0.82
CA ARG B 15 -0.27 -3.83 -0.17
C ARG B 15 -1.76 -4.00 -0.43
N VAL B 16 -2.15 -5.21 -0.80
CA VAL B 16 -3.55 -5.53 -1.06
C VAL B 16 -3.87 -6.79 -0.25
N GLU B 17 -4.79 -6.68 0.71
CA GLU B 17 -5.16 -7.82 1.52
C GLU B 17 -6.49 -8.39 1.06
N ILE B 18 -6.46 -9.58 0.47
CA ILE B 18 -7.66 -10.22 -0.02
C ILE B 18 -8.15 -11.34 0.90
N HIS B 19 -9.42 -11.28 1.30
CA HIS B 19 -9.97 -12.31 2.17
C HIS B 19 -10.75 -13.30 1.31
N LYS B 20 -10.27 -14.54 1.26
CA LYS B 20 -10.90 -15.59 0.46
C LYS B 20 -12.36 -15.81 0.83
N LEU B 21 -13.19 -15.97 -0.20
CA LEU B 21 -14.61 -16.23 0.02
C LEU B 21 -14.76 -17.74 -0.07
N ARG B 22 -15.18 -18.35 1.04
CA ARG B 22 -15.34 -19.80 1.10
C ARG B 22 -16.74 -20.25 0.73
N GLN B 23 -16.88 -20.94 -0.41
CA GLN B 23 -18.17 -21.45 -0.85
C GLN B 23 -18.10 -22.97 -0.82
N GLY B 24 -18.42 -23.55 0.34
CA GLY B 24 -18.35 -24.99 0.48
C GLY B 24 -16.90 -25.39 0.44
N GLU B 25 -16.54 -26.25 -0.51
CA GLU B 25 -15.16 -26.70 -0.65
C GLU B 25 -14.46 -25.74 -1.60
N ASN B 26 -15.24 -24.84 -2.18
CA ASN B 26 -14.73 -23.88 -3.15
C ASN B 26 -14.32 -22.55 -2.51
N LEU B 27 -13.03 -22.22 -2.63
CA LEU B 27 -12.48 -20.98 -2.08
C LEU B 27 -12.24 -20.03 -3.27
N ILE B 28 -12.73 -18.80 -3.15
CA ILE B 28 -12.62 -17.83 -4.23
C ILE B 28 -11.84 -16.56 -3.91
N LEU B 29 -11.02 -16.12 -4.86
CA LEU B 29 -10.25 -14.89 -4.69
C LEU B 29 -10.87 -13.78 -5.54
N GLY B 30 -11.46 -14.16 -6.67
CA GLY B 30 -12.10 -13.17 -7.52
C GLY B 30 -11.25 -12.44 -8.55
N PHE B 31 -10.19 -13.08 -9.05
CA PHE B 31 -9.37 -12.45 -10.07
C PHE B 31 -8.58 -13.49 -10.88
N SER B 32 -8.06 -13.06 -12.02
CA SER B 32 -7.30 -13.94 -12.88
C SER B 32 -5.88 -13.46 -13.07
N ILE B 33 -4.96 -14.41 -13.21
CA ILE B 33 -3.55 -14.10 -13.41
C ILE B 33 -3.02 -14.63 -14.74
N GLY B 34 -2.16 -13.83 -15.36
CA GLY B 34 -1.53 -14.23 -16.62
C GLY B 34 -0.02 -14.08 -16.48
N GLY B 35 0.73 -14.81 -17.30
CA GLY B 35 2.17 -14.70 -17.24
C GLY B 35 2.92 -15.75 -16.44
N GLY B 36 4.20 -15.50 -16.23
CA GLY B 36 5.06 -16.41 -15.52
C GLY B 36 6.29 -16.58 -16.41
N ILE B 37 7.43 -16.97 -15.85
CA ILE B 37 8.64 -17.11 -16.65
C ILE B 37 8.55 -18.13 -17.78
N ASP B 38 7.53 -18.99 -17.74
CA ASP B 38 7.36 -20.01 -18.78
C ASP B 38 6.42 -19.56 -19.90
N GLN B 39 5.86 -18.35 -19.80
CA GLN B 39 4.98 -17.83 -20.83
C GLN B 39 5.72 -16.79 -21.68
N ASP B 40 5.15 -16.44 -22.83
CA ASP B 40 5.77 -15.50 -23.76
C ASP B 40 5.43 -14.04 -23.40
N PRO B 41 6.40 -13.30 -22.84
CA PRO B 41 6.19 -11.91 -22.45
C PRO B 41 5.77 -10.97 -23.58
N SER B 42 6.17 -11.29 -24.81
CA SER B 42 5.84 -10.46 -25.94
C SER B 42 4.33 -10.48 -26.21
N GLN B 43 3.63 -11.42 -25.58
CA GLN B 43 2.19 -11.55 -25.74
C GLN B 43 1.42 -10.97 -24.55
N ASN B 44 2.12 -10.26 -23.68
CA ASN B 44 1.50 -9.65 -22.51
C ASN B 44 1.07 -8.24 -22.90
N PRO B 45 -0.24 -7.98 -22.99
CA PRO B 45 -0.77 -6.67 -23.37
C PRO B 45 -0.79 -5.64 -22.25
N PHE B 46 -0.54 -6.09 -21.02
CA PHE B 46 -0.56 -5.19 -19.88
C PHE B 46 0.78 -4.55 -19.53
N SER B 47 1.86 -5.28 -19.77
CA SER B 47 3.20 -4.81 -19.44
C SER B 47 3.60 -3.50 -20.13
N GLU B 48 4.64 -2.87 -19.60
CA GLU B 48 5.19 -1.65 -20.16
C GLU B 48 6.32 -2.19 -21.01
N ASP B 49 7.19 -2.94 -20.33
CA ASP B 49 8.35 -3.57 -20.93
C ASP B 49 7.88 -4.95 -21.38
N LYS B 50 7.93 -5.21 -22.69
CA LYS B 50 7.47 -6.49 -23.19
C LYS B 50 8.38 -7.69 -22.97
N THR B 51 9.35 -7.54 -22.06
CA THR B 51 10.25 -8.64 -21.71
C THR B 51 9.86 -9.12 -20.32
N ASP B 52 8.89 -8.41 -19.74
CA ASP B 52 8.39 -8.71 -18.40
C ASP B 52 7.66 -10.04 -18.34
N LYS B 53 8.25 -11.02 -17.66
CA LYS B 53 7.61 -12.32 -17.52
C LYS B 53 6.86 -12.41 -16.21
N GLY B 54 6.56 -11.27 -15.62
CA GLY B 54 5.86 -11.24 -14.36
C GLY B 54 4.43 -11.75 -14.37
N ILE B 55 3.84 -11.80 -13.18
CA ILE B 55 2.47 -12.26 -13.00
C ILE B 55 1.58 -11.02 -12.99
N TYR B 56 0.66 -10.95 -13.93
CA TYR B 56 -0.24 -9.80 -14.03
C TYR B 56 -1.69 -10.16 -13.78
N VAL B 57 -2.42 -9.22 -13.17
CA VAL B 57 -3.84 -9.39 -12.89
C VAL B 57 -4.54 -9.01 -14.19
N THR B 58 -5.24 -9.96 -14.78
CA THR B 58 -5.91 -9.75 -16.06
C THR B 58 -7.41 -9.55 -15.96
N ARG B 59 -7.99 -9.97 -14.84
CA ARG B 59 -9.42 -9.84 -14.62
C ARG B 59 -9.69 -9.71 -13.13
N VAL B 60 -10.76 -9.00 -12.79
CA VAL B 60 -11.17 -8.81 -11.40
C VAL B 60 -12.69 -8.97 -11.39
N SER B 61 -13.16 -10.01 -10.72
CA SER B 61 -14.59 -10.30 -10.65
C SER B 61 -15.38 -9.20 -9.97
N GLU B 62 -16.40 -8.70 -10.66
CA GLU B 62 -17.25 -7.66 -10.10
C GLU B 62 -17.88 -8.20 -8.83
N GLY B 63 -17.75 -7.43 -7.74
CA GLY B 63 -18.32 -7.83 -6.46
C GLY B 63 -17.53 -8.88 -5.69
N GLY B 64 -16.41 -9.34 -6.24
CA GLY B 64 -15.61 -10.35 -5.57
C GLY B 64 -14.62 -9.83 -4.53
N PRO B 65 -13.97 -10.74 -3.77
CA PRO B 65 -12.99 -10.33 -2.75
C PRO B 65 -11.83 -9.48 -3.24
N ALA B 66 -11.25 -9.82 -4.39
CA ALA B 66 -10.14 -9.03 -4.92
C ALA B 66 -10.61 -7.59 -5.19
N GLU B 67 -11.78 -7.43 -5.80
CA GLU B 67 -12.29 -6.09 -6.09
C GLU B 67 -12.51 -5.31 -4.79
N ILE B 68 -13.17 -5.94 -3.83
CA ILE B 68 -13.45 -5.32 -2.54
C ILE B 68 -12.14 -4.87 -1.89
N ALA B 69 -11.09 -5.67 -2.05
CA ALA B 69 -9.77 -5.39 -1.49
C ALA B 69 -8.99 -4.31 -2.24
N GLY B 70 -9.43 -3.96 -3.44
CA GLY B 70 -8.76 -2.94 -4.21
C GLY B 70 -7.79 -3.41 -5.29
N LEU B 71 -7.80 -4.70 -5.62
CA LEU B 71 -6.90 -5.20 -6.67
C LEU B 71 -7.34 -4.56 -7.98
N GLN B 72 -6.39 -4.22 -8.84
CA GLN B 72 -6.74 -3.60 -10.12
C GLN B 72 -6.26 -4.37 -11.35
N ILE B 73 -7.12 -4.43 -12.35
CA ILE B 73 -6.80 -5.10 -13.61
C ILE B 73 -5.50 -4.46 -14.13
N GLY B 74 -4.54 -5.29 -14.53
CA GLY B 74 -3.29 -4.77 -15.02
C GLY B 74 -2.21 -4.74 -13.94
N ASP B 75 -2.60 -4.92 -12.68
CA ASP B 75 -1.63 -4.92 -11.60
C ASP B 75 -0.61 -6.03 -11.77
N LYS B 76 0.65 -5.75 -11.43
CA LYS B 76 1.69 -6.76 -11.51
C LYS B 76 1.94 -7.23 -10.07
N ILE B 77 1.79 -8.54 -9.84
CA ILE B 77 1.99 -9.10 -8.51
C ILE B 77 3.48 -9.34 -8.26
N MET B 78 4.02 -8.61 -7.29
CA MET B 78 5.42 -8.68 -6.93
C MET B 78 5.68 -9.68 -5.81
N GLN B 79 4.68 -9.87 -4.96
CA GLN B 79 4.85 -10.77 -3.83
C GLN B 79 3.52 -11.29 -3.28
N VAL B 80 3.51 -12.56 -2.86
CA VAL B 80 2.32 -13.19 -2.29
C VAL B 80 2.72 -13.84 -0.97
N ASN B 81 2.13 -13.34 0.11
CA ASN B 81 2.42 -13.82 1.46
C ASN B 81 3.92 -13.97 1.69
N GLY B 82 4.65 -12.91 1.35
CA GLY B 82 6.09 -12.90 1.56
C GLY B 82 6.95 -13.53 0.46
N TRP B 83 6.33 -14.27 -0.45
CA TRP B 83 7.06 -14.93 -1.53
C TRP B 83 7.19 -14.08 -2.80
N ASP B 84 8.42 -13.94 -3.26
CA ASP B 84 8.75 -13.19 -4.47
C ASP B 84 8.07 -13.86 -5.67
N MET B 85 7.31 -13.07 -6.44
CA MET B 85 6.60 -13.59 -7.60
C MET B 85 7.19 -13.06 -8.91
N THR B 86 8.25 -12.27 -8.81
CA THR B 86 8.86 -11.68 -10.00
C THR B 86 9.47 -12.68 -10.99
N MET B 87 9.84 -13.86 -10.52
CA MET B 87 10.42 -14.85 -11.42
C MET B 87 9.95 -16.27 -11.09
N VAL B 88 8.67 -16.53 -11.31
CA VAL B 88 8.12 -17.86 -11.06
C VAL B 88 7.34 -18.32 -12.29
N THR B 89 7.08 -19.62 -12.39
CA THR B 89 6.32 -20.17 -13.49
C THR B 89 4.85 -19.85 -13.24
N HIS B 90 4.03 -19.93 -14.28
CA HIS B 90 2.61 -19.65 -14.14
C HIS B 90 1.99 -20.51 -13.02
N ASP B 91 2.31 -21.80 -13.04
CA ASP B 91 1.76 -22.74 -12.07
C ASP B 91 2.22 -22.47 -10.64
N GLN B 92 3.47 -22.06 -10.47
CA GLN B 92 3.99 -21.77 -9.14
C GLN B 92 3.22 -20.62 -8.51
N ALA B 93 2.88 -19.62 -9.32
CA ALA B 93 2.12 -18.47 -8.83
C ALA B 93 0.74 -18.96 -8.44
N ARG B 94 0.14 -19.76 -9.32
CA ARG B 94 -1.19 -20.31 -9.08
C ARG B 94 -1.23 -21.05 -7.74
N LYS B 95 -0.25 -21.93 -7.53
CA LYS B 95 -0.17 -22.69 -6.29
C LYS B 95 -0.04 -21.81 -5.06
N ARG B 96 0.78 -20.75 -5.16
CA ARG B 96 0.97 -19.82 -4.04
C ARG B 96 -0.33 -19.16 -3.62
N LEU B 97 -1.16 -18.83 -4.61
CA LEU B 97 -2.42 -18.15 -4.37
C LEU B 97 -3.58 -19.07 -4.03
N THR B 98 -3.33 -20.37 -4.05
CA THR B 98 -4.39 -21.32 -3.75
C THR B 98 -4.06 -22.22 -2.56
N LYS B 99 -3.38 -21.66 -1.57
CA LYS B 99 -3.05 -22.42 -0.38
C LYS B 99 -4.34 -22.52 0.43
N ARG B 100 -4.95 -23.69 0.38
CA ARG B 100 -6.20 -23.97 1.05
C ARG B 100 -6.31 -23.43 2.47
N SER B 101 -5.33 -23.76 3.31
CA SER B 101 -5.31 -23.35 4.70
C SER B 101 -5.30 -21.83 4.93
N GLU B 102 -4.92 -21.06 3.90
CA GLU B 102 -4.85 -19.62 4.05
C GLU B 102 -6.15 -18.89 3.67
N GLU B 103 -6.52 -17.91 4.50
CA GLU B 103 -7.73 -17.13 4.28
C GLU B 103 -7.45 -15.70 3.83
N VAL B 104 -6.46 -15.05 4.44
CA VAL B 104 -6.11 -13.68 4.06
C VAL B 104 -4.81 -13.64 3.28
N VAL B 105 -4.93 -13.57 1.95
CA VAL B 105 -3.77 -13.52 1.07
C VAL B 105 -3.25 -12.08 0.91
N ARG B 106 -2.03 -11.86 1.37
CA ARG B 106 -1.41 -10.54 1.31
C ARG B 106 -0.53 -10.38 0.08
N LEU B 107 -0.94 -9.47 -0.79
CA LEU B 107 -0.22 -9.21 -2.02
C LEU B 107 0.46 -7.84 -2.03
N LEU B 108 1.57 -7.77 -2.74
CA LEU B 108 2.29 -6.53 -2.93
C LEU B 108 2.20 -6.39 -4.44
N VAL B 109 1.59 -5.31 -4.90
CA VAL B 109 1.44 -5.10 -6.33
C VAL B 109 1.97 -3.75 -6.76
N THR B 110 2.37 -3.68 -8.02
CA THR B 110 2.86 -2.44 -8.57
C THR B 110 1.95 -2.10 -9.74
N ARG B 111 1.67 -0.82 -9.90
CA ARG B 111 0.83 -0.38 -10.99
C ARG B 111 1.36 0.93 -11.51
N GLN B 112 0.98 1.26 -12.72
CA GLN B 112 1.41 2.46 -13.40
C GLN B 112 1.14 3.75 -12.61
N SER B 113 -0.01 3.84 -11.96
CA SER B 113 -0.37 5.04 -11.20
C SER B 113 0.36 5.14 -9.87
N LEU B 114 1.21 4.16 -9.57
CA LEU B 114 1.93 4.16 -8.31
C LEU B 114 3.33 4.77 -8.37
N GLN B 115 3.95 4.74 -9.55
CA GLN B 115 5.28 5.33 -9.70
C GLN B 115 5.27 6.82 -9.35
N LYS B 116 4.13 7.46 -9.59
CA LYS B 116 3.97 8.89 -9.29
C LYS B 116 2.49 9.25 -9.36
N GLN C 2 19.15 25.19 11.05
CA GLN C 2 18.84 25.89 12.32
C GLN C 2 17.60 25.30 13.00
N LEU C 3 16.54 25.10 12.22
CA LEU C 3 15.29 24.56 12.76
C LEU C 3 15.41 23.05 12.98
N ALA C 4 15.25 22.64 14.24
CA ALA C 4 15.35 21.25 14.63
C ALA C 4 14.12 20.39 14.30
N TRP C 5 14.34 19.08 14.27
CA TRP C 5 13.29 18.10 13.99
C TRP C 5 12.42 18.06 15.24
N PHE C 6 11.12 18.29 15.08
CA PHE C 6 10.20 18.24 16.22
C PHE C 6 8.82 17.78 15.77
N ASP C 7 8.00 17.34 16.72
CA ASP C 7 6.66 16.88 16.39
C ASP C 7 5.53 17.69 17.00
N THR C 8 4.35 17.53 16.44
CA THR C 8 3.16 18.23 16.88
C THR C 8 1.98 17.26 16.99
N ASP C 9 1.13 17.45 17.99
CA ASP C 9 -0.01 16.58 18.22
C ASP C 9 -1.24 16.97 17.41
N LEU C 10 -1.94 15.97 16.88
CA LEU C 10 -3.12 16.18 16.04
C LEU C 10 -4.28 15.32 16.52
N GLN D 2 -2.05 -23.69 -27.90
CA GLN D 2 -3.10 -22.68 -28.25
C GLN D 2 -2.67 -21.26 -27.90
N LEU D 3 -2.21 -21.04 -26.67
CA LEU D 3 -1.78 -19.72 -26.24
C LEU D 3 -0.37 -19.69 -25.66
N ALA D 4 0.38 -18.65 -26.02
CA ALA D 4 1.76 -18.49 -25.56
C ALA D 4 1.78 -17.69 -24.26
N TRP D 5 0.70 -16.96 -24.01
CA TRP D 5 0.52 -16.16 -22.81
C TRP D 5 -0.97 -16.27 -22.49
N PHE D 6 -1.30 -16.67 -21.26
CA PHE D 6 -2.71 -16.83 -20.90
C PHE D 6 -2.96 -16.69 -19.41
N ASP D 7 -4.23 -16.43 -19.06
CA ASP D 7 -4.58 -16.27 -17.66
C ASP D 7 -5.36 -17.44 -17.11
N THR D 8 -5.44 -17.47 -15.78
CA THR D 8 -6.17 -18.51 -15.06
C THR D 8 -7.04 -17.84 -13.99
N ASP D 9 -8.30 -18.24 -13.91
CA ASP D 9 -9.23 -17.68 -12.94
C ASP D 9 -9.01 -18.23 -11.53
N LEU D 10 -9.05 -17.35 -10.55
CA LEU D 10 -8.84 -17.74 -9.15
C LEU D 10 -9.93 -17.20 -8.21
#